data_6LB6
#
_entry.id   6LB6
#
_cell.length_a   65.698
_cell.length_b   65.698
_cell.length_c   111.194
_cell.angle_alpha   90.000
_cell.angle_beta   90.000
_cell.angle_gamma   90.000
#
_symmetry.space_group_name_H-M   'P 43 21 2'
#
loop_
_entity.id
_entity.type
_entity.pdbx_description
1 polymer 'Retinoic acid receptor RXR-alpha'
2 polymer 'Nuclear receptor coactivator 2'
3 non-polymer '6-[ethyl-[4-(2-methylpropoxy)-3-propan-2-yl-phenyl]amino]pyridine-3-carboxylic acid'
4 water water
#
loop_
_entity_poly.entity_id
_entity_poly.type
_entity_poly.pdbx_seq_one_letter_code
_entity_poly.pdbx_strand_id
1 'polypeptide(L)'
;GSSHSSANEDMPVERILEAELAVEPKTETYVEANMGLNPSSPNDPVTNICQAADKQLFTLVEWAKRIPHFSELPLDDQVI
LLRAGWNELLIASFSHRSIAVKDGILLATGLHVHRNSAHSAGVGAIFDRVLTELVSKMRDMQMDKTELGCLRAIVLFNPD
SKGLSNPAEVEALREKVYASLEAYCKHKYPEQPGRFAKLLLRLPALRSIGLKCLEHLFFFKLIGDTPIDTFLMEMLEAPH
QMT
;
A
2 'polypeptide(L)' KHKILHRLLQDSS B
#
# COMPACT_ATOMS: atom_id res chain seq x y z
N ASP A 10 -13.21 3.54 18.90
CA ASP A 10 -12.81 4.81 18.30
C ASP A 10 -11.63 4.60 17.34
N MET A 11 -11.61 5.38 16.26
CA MET A 11 -10.56 5.30 15.24
C MET A 11 -9.99 6.69 15.04
N PRO A 12 -9.04 7.10 15.87
CA PRO A 12 -8.48 8.45 15.74
C PRO A 12 -7.45 8.54 14.63
N VAL A 13 -7.51 9.64 13.87
CA VAL A 13 -6.56 9.86 12.78
C VAL A 13 -5.17 10.20 13.28
N GLU A 14 -5.02 10.51 14.57
CA GLU A 14 -3.69 10.79 15.12
C GLU A 14 -2.83 9.54 15.13
N ARG A 15 -3.39 8.43 15.63
CA ARG A 15 -2.63 7.18 15.66
C ARG A 15 -2.33 6.69 14.24
N ILE A 16 -3.25 6.90 13.31
CA ILE A 16 -3.01 6.49 11.92
C ILE A 16 -1.84 7.28 11.33
N LEU A 17 -1.80 8.58 11.60
CA LEU A 17 -0.66 9.38 11.15
C LEU A 17 0.63 8.95 11.84
N GLU A 18 0.55 8.65 13.13
CA GLU A 18 1.73 8.18 13.85
C GLU A 18 2.22 6.83 13.31
N ALA A 19 1.29 6.00 12.81
CA ALA A 19 1.70 4.76 12.16
C ALA A 19 2.50 5.03 10.90
N GLU A 20 2.10 6.05 10.13
CA GLU A 20 2.85 6.42 8.95
C GLU A 20 4.20 7.05 9.31
N LEU A 21 4.20 7.94 10.30
CA LEU A 21 5.43 8.62 10.68
C LEU A 21 6.42 7.70 11.39
N ALA A 22 5.95 6.59 11.97
CA ALA A 22 6.85 5.67 12.65
C ALA A 22 7.59 4.77 11.66
N VAL A 23 7.04 4.55 10.48
CA VAL A 23 7.63 3.66 9.49
C VAL A 23 8.24 4.40 8.32
N GLU A 24 8.26 5.73 8.35
CA GLU A 24 8.80 6.50 7.24
C GLU A 24 9.86 7.47 7.72
N ASP A 44 19.96 -3.43 -14.12
CA ASP A 44 18.54 -3.72 -14.22
C ASP A 44 17.78 -3.12 -13.04
N PRO A 45 16.94 -2.11 -13.33
CA PRO A 45 16.17 -1.47 -12.23
C PRO A 45 15.14 -2.38 -11.60
N VAL A 46 14.66 -3.40 -12.32
CA VAL A 46 13.64 -4.29 -11.76
C VAL A 46 14.18 -5.03 -10.54
N THR A 47 15.46 -5.38 -10.56
CA THR A 47 16.07 -6.04 -9.40
C THR A 47 16.08 -5.10 -8.20
N ASN A 48 16.42 -3.83 -8.41
CA ASN A 48 16.39 -2.86 -7.32
C ASN A 48 14.97 -2.65 -6.79
N ILE A 49 13.96 -2.75 -7.66
CA ILE A 49 12.59 -2.56 -7.23
C ILE A 49 12.13 -3.74 -6.38
N CYS A 50 12.48 -4.96 -6.80
CA CYS A 50 12.06 -6.14 -6.05
C CYS A 50 12.71 -6.19 -4.68
N GLN A 51 13.97 -5.76 -4.57
CA GLN A 51 14.63 -5.71 -3.28
C GLN A 51 13.96 -4.70 -2.34
N ALA A 52 13.54 -3.57 -2.90
CA ALA A 52 12.85 -2.57 -2.07
C ALA A 52 11.49 -3.07 -1.61
N ALA A 53 10.81 -3.86 -2.46
CA ALA A 53 9.51 -4.40 -2.07
C ALA A 53 9.66 -5.40 -0.93
N ASP A 54 10.74 -6.19 -0.93
CA ASP A 54 10.96 -7.15 0.14
C ASP A 54 11.26 -6.44 1.46
N LYS A 55 12.08 -5.38 1.40
CA LYS A 55 12.40 -4.63 2.61
C LYS A 55 11.16 -3.98 3.22
N GLN A 56 10.25 -3.49 2.38
CA GLN A 56 9.06 -2.82 2.87
C GLN A 56 8.00 -3.79 3.38
N LEU A 57 8.08 -5.07 2.99
CA LEU A 57 7.15 -6.05 3.56
C LEU A 57 7.40 -6.25 5.04
N PHE A 58 8.66 -6.19 5.47
CA PHE A 58 8.95 -6.19 6.90
C PHE A 58 8.43 -4.93 7.58
N THR A 59 8.56 -3.79 6.90
CA THR A 59 8.06 -2.53 7.43
C THR A 59 6.53 -2.50 7.47
N LEU A 60 5.88 -3.17 6.51
CA LEU A 60 4.42 -3.18 6.47
C LEU A 60 3.83 -3.85 7.70
N VAL A 61 4.49 -4.89 8.20
CA VAL A 61 4.01 -5.57 9.40
C VAL A 61 4.05 -4.62 10.59
N GLU A 62 5.12 -3.83 10.70
CA GLU A 62 5.23 -2.87 11.79
C GLU A 62 4.18 -1.78 11.67
N TRP A 63 3.88 -1.35 10.44
CA TRP A 63 2.88 -0.32 10.22
C TRP A 63 1.50 -0.80 10.63
N ALA A 64 1.14 -2.03 10.25
CA ALA A 64 -0.20 -2.53 10.53
C ALA A 64 -0.43 -2.70 12.02
N LYS A 65 0.61 -3.07 12.78
CA LYS A 65 0.47 -3.20 14.23
C LYS A 65 0.15 -1.87 14.91
N ARG A 66 0.53 -0.76 14.30
CA ARG A 66 0.25 0.56 14.84
C ARG A 66 -1.11 1.12 14.43
N ILE A 67 -1.77 0.47 13.47
CA ILE A 67 -3.14 0.88 13.11
C ILE A 67 -4.09 0.41 14.21
N PRO A 68 -4.99 1.27 14.69
CA PRO A 68 -5.83 0.88 15.83
C PRO A 68 -6.68 -0.35 15.54
N HIS A 69 -6.80 -1.21 16.54
CA HIS A 69 -7.66 -2.40 16.58
C HIS A 69 -7.21 -3.50 15.62
N PHE A 70 -6.11 -3.32 14.88
CA PHE A 70 -5.66 -4.36 13.97
C PHE A 70 -5.11 -5.56 14.73
N SER A 71 -4.31 -5.31 15.76
CA SER A 71 -3.70 -6.41 16.52
C SER A 71 -4.73 -7.17 17.34
N GLU A 72 -5.89 -6.57 17.63
CA GLU A 72 -6.94 -7.23 18.39
C GLU A 72 -7.69 -8.27 17.57
N LEU A 73 -7.55 -8.26 16.25
CA LEU A 73 -8.21 -9.24 15.41
C LEU A 73 -7.56 -10.61 15.58
N PRO A 74 -8.25 -11.69 15.21
CA PRO A 74 -7.62 -13.01 15.23
C PRO A 74 -6.37 -13.04 14.37
N LEU A 75 -5.38 -13.81 14.83
CA LEU A 75 -4.08 -13.82 14.15
C LEU A 75 -4.19 -14.35 12.72
N ASP A 76 -5.14 -15.26 12.47
CA ASP A 76 -5.32 -15.78 11.12
C ASP A 76 -5.86 -14.70 10.18
N ASP A 77 -6.73 -13.83 10.67
CA ASP A 77 -7.28 -12.78 9.84
C ASP A 77 -6.28 -11.65 9.59
N GLN A 78 -5.36 -11.42 10.52
CA GLN A 78 -4.29 -10.46 10.28
C GLN A 78 -3.42 -10.91 9.11
N VAL A 79 -3.18 -12.22 8.99
CA VAL A 79 -2.46 -12.75 7.84
C VAL A 79 -3.26 -12.56 6.57
N ILE A 80 -4.58 -12.79 6.64
CA ILE A 80 -5.43 -12.68 5.45
C ILE A 80 -5.46 -11.26 4.94
N LEU A 81 -5.57 -10.27 5.85
CA LEU A 81 -5.65 -8.88 5.42
C LEU A 81 -4.32 -8.40 4.84
N LEU A 82 -3.20 -8.78 5.47
CA LEU A 82 -1.90 -8.35 4.97
C LEU A 82 -1.54 -9.05 3.67
N ARG A 83 -1.88 -10.34 3.55
CA ARG A 83 -1.61 -11.05 2.31
C ARG A 83 -2.49 -10.56 1.16
N ALA A 84 -3.61 -9.91 1.45
CA ALA A 84 -4.51 -9.45 0.41
C ALA A 84 -4.28 -8.01 0.01
N GLY A 85 -3.69 -7.19 0.89
CA GLY A 85 -3.53 -5.78 0.60
C GLY A 85 -2.11 -5.29 0.48
N TRP A 86 -1.14 -6.16 0.77
CA TRP A 86 0.26 -5.75 0.80
C TRP A 86 0.67 -5.07 -0.51
N ASN A 87 0.12 -5.54 -1.63
CA ASN A 87 0.46 -4.94 -2.92
CA ASN A 87 0.46 -4.95 -2.93
C ASN A 87 -0.04 -3.51 -3.01
N GLU A 88 -1.32 -3.29 -2.72
CA GLU A 88 -1.86 -1.93 -2.75
C GLU A 88 -1.30 -1.07 -1.64
N LEU A 89 -1.01 -1.66 -0.48
CA LEU A 89 -0.46 -0.89 0.64
C LEU A 89 0.92 -0.36 0.30
N LEU A 90 1.78 -1.20 -0.28
CA LEU A 90 3.12 -0.75 -0.63
C LEU A 90 3.12 0.20 -1.82
N ILE A 91 2.19 0.02 -2.75
CA ILE A 91 2.12 0.90 -3.92
C ILE A 91 1.69 2.30 -3.50
N ALA A 92 0.73 2.40 -2.59
CA ALA A 92 0.32 3.72 -2.10
C ALA A 92 1.45 4.40 -1.34
N SER A 93 2.34 3.62 -0.73
CA SER A 93 3.43 4.20 0.04
C SER A 93 4.43 4.92 -0.85
N PHE A 94 5.02 4.20 -1.82
CA PHE A 94 6.06 4.83 -2.64
C PHE A 94 5.47 5.84 -3.62
N SER A 95 4.20 5.70 -3.98
CA SER A 95 3.58 6.70 -4.85
C SER A 95 3.47 8.04 -4.14
N HIS A 96 3.11 8.03 -2.87
CA HIS A 96 3.06 9.27 -2.10
C HIS A 96 4.46 9.75 -1.75
N ARG A 97 5.41 8.83 -1.59
CA ARG A 97 6.79 9.23 -1.37
C ARG A 97 7.37 9.89 -2.61
N SER A 98 6.95 9.45 -3.80
CA SER A 98 7.48 9.95 -5.06
C SER A 98 6.89 11.30 -5.44
N ILE A 99 6.11 11.93 -4.57
CA ILE A 99 5.61 13.29 -4.84
C ILE A 99 6.77 14.26 -4.98
N ALA A 100 7.86 14.02 -4.26
CA ALA A 100 9.01 14.94 -4.30
C ALA A 100 9.62 15.01 -5.69
N VAL A 101 9.69 13.87 -6.39
CA VAL A 101 10.26 13.82 -7.73
C VAL A 101 9.13 13.95 -8.76
N LYS A 102 9.50 14.20 -10.02
CA LYS A 102 8.52 14.49 -11.05
C LYS A 102 8.45 13.46 -12.16
N ASP A 103 9.52 12.71 -12.41
CA ASP A 103 9.58 11.75 -13.51
C ASP A 103 10.17 10.44 -13.03
N GLY A 104 9.78 10.00 -11.84
CA GLY A 104 10.26 8.74 -11.33
C GLY A 104 9.63 8.42 -9.99
N ILE A 105 10.12 7.34 -9.38
CA ILE A 105 9.66 6.93 -8.06
C ILE A 105 10.84 6.83 -7.12
N LEU A 106 10.58 7.05 -5.84
CA LEU A 106 11.60 7.00 -4.79
C LEU A 106 11.45 5.69 -4.04
N LEU A 107 12.41 4.79 -4.22
CA LEU A 107 12.41 3.54 -3.49
C LEU A 107 12.78 3.78 -2.04
N ALA A 108 12.34 2.86 -1.17
CA ALA A 108 12.67 2.95 0.24
C ALA A 108 14.16 2.74 0.50
N THR A 109 14.89 2.17 -0.46
CA THR A 109 16.32 1.97 -0.35
C THR A 109 17.13 3.20 -0.71
N GLY A 110 16.48 4.36 -0.83
CA GLY A 110 17.16 5.59 -1.19
C GLY A 110 17.46 5.75 -2.66
N LEU A 111 17.18 4.74 -3.48
CA LEU A 111 17.44 4.80 -4.91
C LEU A 111 16.24 5.38 -5.64
N HIS A 112 16.52 6.05 -6.76
CA HIS A 112 15.49 6.62 -7.61
C HIS A 112 15.46 5.89 -8.94
N VAL A 113 14.28 5.44 -9.35
CA VAL A 113 14.07 4.79 -10.63
C VAL A 113 13.38 5.79 -11.54
N HIS A 114 14.09 6.23 -12.59
CA HIS A 114 13.57 7.25 -13.48
C HIS A 114 12.61 6.64 -14.50
N ARG A 115 11.82 7.51 -15.14
CA ARG A 115 10.94 7.10 -16.22
C ARG A 115 11.69 6.28 -17.27
N ASN A 116 12.78 6.84 -17.79
CA ASN A 116 13.49 6.19 -18.88
C ASN A 116 14.17 4.90 -18.42
N SER A 117 14.58 4.82 -17.15
CA SER A 117 15.16 3.59 -16.64
C SER A 117 14.14 2.46 -16.65
N ALA A 118 12.92 2.74 -16.19
CA ALA A 118 11.86 1.74 -16.25
C ALA A 118 11.48 1.43 -17.69
N HIS A 119 11.46 2.44 -18.56
CA HIS A 119 11.19 2.20 -19.97
C HIS A 119 12.31 1.39 -20.62
N SER A 120 13.56 1.70 -20.30
CA SER A 120 14.69 0.95 -20.85
C SER A 120 14.73 -0.48 -20.35
N ALA A 121 14.06 -0.78 -19.24
CA ALA A 121 13.98 -2.14 -18.71
C ALA A 121 12.74 -2.89 -19.19
N GLY A 122 11.88 -2.25 -19.97
CA GLY A 122 10.69 -2.89 -20.49
C GLY A 122 9.48 -2.86 -19.58
N VAL A 123 9.48 -2.00 -18.55
CA VAL A 123 8.36 -1.92 -17.62
C VAL A 123 7.86 -0.48 -17.55
N GLY A 124 7.93 0.23 -18.67
CA GLY A 124 7.50 1.62 -18.69
C GLY A 124 6.00 1.82 -18.68
N ALA A 125 5.24 0.80 -19.08
CA ALA A 125 3.79 0.94 -19.14
C ALA A 125 3.18 1.07 -17.75
N ILE A 126 3.46 0.11 -16.87
CA ILE A 126 2.94 0.18 -15.51
C ILE A 126 3.58 1.33 -14.75
N PHE A 127 4.82 1.69 -15.10
CA PHE A 127 5.48 2.82 -14.45
C PHE A 127 4.78 4.13 -14.78
N ASP A 128 4.37 4.30 -16.04
CA ASP A 128 3.63 5.50 -16.42
C ASP A 128 2.27 5.54 -15.73
N ARG A 129 1.64 4.37 -15.55
CA ARG A 129 0.35 4.33 -14.87
C ARG A 129 0.48 4.76 -13.41
N VAL A 130 1.57 4.37 -12.76
CA VAL A 130 1.80 4.79 -11.38
C VAL A 130 2.00 6.30 -11.31
N LEU A 131 2.69 6.87 -12.29
CA LEU A 131 3.01 8.29 -12.25
C LEU A 131 1.78 9.14 -12.56
N THR A 132 1.02 8.77 -13.59
CA THR A 132 -0.12 9.60 -13.99
C THR A 132 -1.32 9.41 -13.08
N GLU A 133 -1.68 8.15 -12.79
CA GLU A 133 -2.90 7.87 -12.05
C GLU A 133 -2.72 8.01 -10.54
N LEU A 134 -1.49 7.89 -10.03
CA LEU A 134 -1.26 7.92 -8.59
C LEU A 134 -0.37 9.09 -8.18
N VAL A 135 0.90 9.10 -8.60
CA VAL A 135 1.85 10.10 -8.08
C VAL A 135 1.41 11.51 -8.43
N SER A 136 1.11 11.75 -9.72
CA SER A 136 0.72 13.09 -10.14
C SER A 136 -0.60 13.52 -9.50
N LYS A 137 -1.54 12.59 -9.37
CA LYS A 137 -2.81 12.93 -8.75
C LYS A 137 -2.66 13.17 -7.24
N MET A 138 -1.73 12.45 -6.59
CA MET A 138 -1.43 12.74 -5.21
C MET A 138 -0.77 14.12 -5.08
N ARG A 139 0.09 14.47 -6.03
CA ARG A 139 0.75 15.78 -6.00
C ARG A 139 -0.23 16.90 -6.32
N ASP A 140 -1.21 16.64 -7.19
CA ASP A 140 -2.13 17.70 -7.60
C ASP A 140 -3.02 18.16 -6.43
N MET A 141 -3.44 17.24 -5.58
CA MET A 141 -4.34 17.56 -4.48
C MET A 141 -3.61 17.75 -3.15
N GLN A 142 -2.28 17.64 -3.14
CA GLN A 142 -1.47 17.80 -1.93
C GLN A 142 -1.96 16.87 -0.82
N MET A 143 -2.15 15.61 -1.17
CA MET A 143 -2.60 14.61 -0.21
C MET A 143 -1.61 14.51 0.94
N ASP A 144 -2.08 14.79 2.15
CA ASP A 144 -1.21 14.77 3.31
C ASP A 144 -1.03 13.33 3.82
N LYS A 145 -0.11 13.18 4.78
CA LYS A 145 0.21 11.85 5.30
C LYS A 145 -0.93 11.25 6.10
N THR A 146 -1.78 12.09 6.70
CA THR A 146 -2.94 11.57 7.43
C THR A 146 -3.94 10.96 6.47
N GLU A 147 -4.21 11.64 5.34
CA GLU A 147 -5.12 11.09 4.33
C GLU A 147 -4.53 9.84 3.70
N LEU A 148 -3.21 9.78 3.53
CA LEU A 148 -2.58 8.58 2.98
C LEU A 148 -2.77 7.39 3.92
N GLY A 149 -2.52 7.60 5.21
CA GLY A 149 -2.66 6.51 6.16
C GLY A 149 -4.09 6.02 6.28
N CYS A 150 -5.05 6.94 6.22
CA CYS A 150 -6.45 6.54 6.29
C CYS A 150 -6.85 5.72 5.07
N LEU A 151 -6.32 6.07 3.90
CA LEU A 151 -6.58 5.26 2.70
C LEU A 151 -5.92 3.90 2.81
N ARG A 152 -4.68 3.85 3.29
CA ARG A 152 -4.01 2.56 3.50
C ARG A 152 -4.70 1.77 4.60
N ALA A 153 -5.31 2.45 5.57
CA ALA A 153 -6.09 1.74 6.58
C ALA A 153 -7.37 1.16 5.97
N ILE A 154 -7.99 1.89 5.04
CA ILE A 154 -9.16 1.38 4.34
C ILE A 154 -8.79 0.16 3.50
N VAL A 155 -7.64 0.21 2.83
CA VAL A 155 -7.17 -0.94 2.06
C VAL A 155 -6.87 -2.11 2.99
N LEU A 156 -6.29 -1.82 4.17
CA LEU A 156 -5.99 -2.88 5.13
C LEU A 156 -7.24 -3.58 5.60
N PHE A 157 -8.26 -2.81 6.00
CA PHE A 157 -9.53 -3.37 6.48
C PHE A 157 -10.45 -3.71 5.31
N ASN A 158 -10.00 -4.69 4.52
CA ASN A 158 -10.75 -5.13 3.34
C ASN A 158 -11.72 -6.22 3.77
N PRO A 159 -13.04 -5.95 3.83
CA PRO A 159 -13.98 -6.98 4.26
C PRO A 159 -14.27 -8.04 3.20
N ASP A 160 -13.86 -7.81 1.95
CA ASP A 160 -14.05 -8.78 0.88
C ASP A 160 -12.94 -9.82 0.81
N SER A 161 -11.99 -9.78 1.73
CA SER A 161 -10.90 -10.76 1.74
C SER A 161 -11.44 -12.16 2.02
N LYS A 162 -11.07 -13.11 1.17
CA LYS A 162 -11.56 -14.47 1.32
C LYS A 162 -10.97 -15.12 2.57
N GLY A 163 -11.82 -15.82 3.31
CA GLY A 163 -11.38 -16.57 4.47
C GLY A 163 -11.50 -15.86 5.80
N LEU A 164 -11.97 -14.62 5.81
CA LEU A 164 -12.10 -13.88 7.06
C LEU A 164 -13.10 -14.58 7.98
N SER A 165 -12.69 -14.78 9.24
CA SER A 165 -13.58 -15.42 10.21
C SER A 165 -14.78 -14.55 10.55
N ASN A 166 -14.61 -13.22 10.51
CA ASN A 166 -15.69 -12.28 10.79
C ASN A 166 -15.53 -11.09 9.86
N PRO A 167 -16.01 -11.20 8.62
CA PRO A 167 -15.87 -10.07 7.69
C PRO A 167 -16.68 -8.85 8.09
N ALA A 168 -17.76 -9.04 8.85
CA ALA A 168 -18.53 -7.90 9.31
C ALA A 168 -17.74 -7.05 10.31
N GLU A 169 -16.87 -7.68 11.11
CA GLU A 169 -16.03 -6.92 12.02
C GLU A 169 -15.00 -6.10 11.25
N VAL A 170 -14.39 -6.70 10.22
CA VAL A 170 -13.47 -5.94 9.37
C VAL A 170 -14.22 -4.83 8.64
N GLU A 171 -15.45 -5.11 8.22
CA GLU A 171 -16.27 -4.09 7.58
C GLU A 171 -16.56 -2.94 8.53
N ALA A 172 -16.80 -3.26 9.81
CA ALA A 172 -17.03 -2.21 10.79
C ALA A 172 -15.77 -1.37 11.03
N LEU A 173 -14.60 -2.02 10.99
CA LEU A 173 -13.35 -1.28 11.15
C LEU A 173 -13.11 -0.35 9.98
N ARG A 174 -13.43 -0.79 8.76
CA ARG A 174 -13.30 0.09 7.60
C ARG A 174 -14.22 1.30 7.71
N GLU A 175 -15.43 1.10 8.24
CA GLU A 175 -16.37 2.20 8.35
C GLU A 175 -15.89 3.25 9.35
N LYS A 176 -15.24 2.82 10.43
CA LYS A 176 -14.70 3.78 11.38
C LYS A 176 -13.54 4.57 10.79
N VAL A 177 -12.81 3.99 9.83
CA VAL A 177 -11.65 4.67 9.26
C VAL A 177 -12.09 5.80 8.34
N TYR A 178 -12.98 5.51 7.39
CA TYR A 178 -13.42 6.57 6.49
C TYR A 178 -14.39 7.54 7.15
N ALA A 179 -14.93 7.19 8.31
CA ALA A 179 -15.69 8.17 9.09
C ALA A 179 -14.75 9.20 9.71
N SER A 180 -13.63 8.75 10.27
CA SER A 180 -12.64 9.67 10.81
C SER A 180 -11.94 10.44 9.70
N LEU A 181 -11.82 9.85 8.51
CA LEU A 181 -11.20 10.54 7.39
C LEU A 181 -12.08 11.66 6.86
N GLU A 182 -13.38 11.39 6.71
CA GLU A 182 -14.29 12.42 6.23
C GLU A 182 -14.38 13.58 7.21
N ALA A 183 -14.34 13.29 8.51
CA ALA A 183 -14.34 14.36 9.50
C ALA A 183 -13.03 15.14 9.44
N TYR A 184 -11.90 14.45 9.25
CA TYR A 184 -10.63 15.13 9.12
C TYR A 184 -10.60 16.04 7.90
N CYS A 185 -11.19 15.58 6.80
CA CYS A 185 -11.16 16.37 5.57
C CYS A 185 -12.05 17.60 5.67
N LYS A 186 -13.27 17.43 6.18
CA LYS A 186 -14.19 18.56 6.34
C LYS A 186 -13.76 19.52 7.44
N HIS A 187 -12.80 19.14 8.27
CA HIS A 187 -12.22 20.03 9.27
C HIS A 187 -10.92 20.66 8.80
N LYS A 188 -10.00 19.86 8.26
CA LYS A 188 -8.72 20.39 7.80
C LYS A 188 -8.85 21.13 6.48
N TYR A 189 -9.74 20.68 5.60
CA TYR A 189 -9.96 21.31 4.30
C TYR A 189 -11.45 21.55 4.09
N PRO A 190 -12.04 22.48 4.85
CA PRO A 190 -13.47 22.75 4.66
C PRO A 190 -13.81 23.45 3.36
N GLU A 191 -12.82 24.04 2.69
CA GLU A 191 -13.04 24.71 1.40
C GLU A 191 -13.14 23.73 0.24
N GLN A 192 -12.95 22.43 0.49
CA GLN A 192 -13.02 21.40 -0.55
C GLN A 192 -14.04 20.36 -0.11
N PRO A 193 -15.31 20.57 -0.43
CA PRO A 193 -16.34 19.60 0.00
C PRO A 193 -16.21 18.25 -0.68
N GLY A 194 -15.63 18.19 -1.87
CA GLY A 194 -15.42 16.94 -2.58
C GLY A 194 -14.08 16.30 -2.39
N ARG A 195 -13.29 16.75 -1.41
CA ARG A 195 -11.96 16.18 -1.21
C ARG A 195 -12.05 14.76 -0.66
N PHE A 196 -13.01 14.49 0.22
CA PHE A 196 -13.16 13.16 0.78
C PHE A 196 -13.47 12.14 -0.31
N ALA A 197 -14.41 12.47 -1.20
CA ALA A 197 -14.73 11.55 -2.29
C ALA A 197 -13.58 11.44 -3.28
N LYS A 198 -12.82 12.52 -3.49
CA LYS A 198 -11.70 12.47 -4.41
C LYS A 198 -10.60 11.55 -3.91
N LEU A 199 -10.44 11.44 -2.59
CA LEU A 199 -9.47 10.52 -2.03
C LEU A 199 -9.88 9.07 -2.27
N LEU A 200 -11.16 8.75 -2.07
CA LEU A 200 -11.63 7.38 -2.25
C LEU A 200 -11.61 6.95 -3.71
N LEU A 201 -11.73 7.90 -4.63
CA LEU A 201 -11.76 7.58 -6.06
C LEU A 201 -10.38 7.31 -6.64
N ARG A 202 -9.34 7.25 -5.80
CA ARG A 202 -8.04 6.75 -6.23
C ARG A 202 -7.85 5.28 -5.93
N LEU A 203 -8.73 4.68 -5.14
CA LEU A 203 -8.67 3.27 -4.78
C LEU A 203 -8.93 2.36 -5.99
N PRO A 204 -9.90 2.66 -6.87
CA PRO A 204 -10.02 1.85 -8.09
C PRO A 204 -8.75 1.84 -8.93
N ALA A 205 -8.10 2.99 -9.10
CA ALA A 205 -6.82 3.02 -9.81
C ALA A 205 -5.75 2.27 -9.04
N LEU A 206 -5.80 2.36 -7.70
CA LEU A 206 -4.85 1.60 -6.88
C LEU A 206 -5.08 0.10 -7.02
N ARG A 207 -6.35 -0.31 -7.13
CA ARG A 207 -6.65 -1.74 -7.26
C ARG A 207 -6.18 -2.29 -8.60
N SER A 208 -6.41 -1.55 -9.69
CA SER A 208 -6.02 -2.04 -11.01
C SER A 208 -4.51 -2.03 -11.20
N ILE A 209 -3.84 -0.98 -10.74
CA ILE A 209 -2.38 -0.93 -10.82
C ILE A 209 -1.78 -2.03 -9.97
N GLY A 210 -2.41 -2.33 -8.82
CA GLY A 210 -1.91 -3.40 -7.98
C GLY A 210 -1.98 -4.76 -8.65
N LEU A 211 -3.08 -5.02 -9.37
CA LEU A 211 -3.22 -6.30 -10.06
C LEU A 211 -2.21 -6.45 -11.18
N LYS A 212 -1.98 -5.37 -11.94
CA LYS A 212 -0.96 -5.41 -12.98
C LYS A 212 0.43 -5.61 -12.40
N CYS A 213 0.68 -5.06 -11.21
CA CYS A 213 1.97 -5.28 -10.54
CA CYS A 213 1.97 -5.28 -10.55
C CYS A 213 2.15 -6.74 -10.15
N LEU A 214 1.06 -7.40 -9.73
CA LEU A 214 1.16 -8.81 -9.37
C LEU A 214 1.47 -9.67 -10.60
N GLU A 215 0.94 -9.29 -11.75
CA GLU A 215 1.22 -10.04 -12.98
C GLU A 215 2.71 -9.97 -13.31
N HIS A 216 3.30 -8.81 -13.08
CA HIS A 216 4.73 -8.62 -13.37
C HIS A 216 5.56 -9.46 -12.40
N LEU A 217 5.17 -9.48 -11.13
CA LEU A 217 5.93 -10.25 -10.15
C LEU A 217 5.82 -11.75 -10.41
N PHE A 218 4.62 -12.21 -10.80
CA PHE A 218 4.46 -13.62 -11.16
C PHE A 218 5.29 -13.97 -12.39
N PHE A 219 5.34 -13.06 -13.37
CA PHE A 219 6.07 -13.33 -14.60
C PHE A 219 7.57 -13.44 -14.33
N PHE A 220 8.12 -12.56 -13.49
CA PHE A 220 9.53 -12.64 -13.17
C PHE A 220 9.84 -13.86 -12.31
N LYS A 221 8.90 -14.25 -11.44
CA LYS A 221 9.09 -15.47 -10.66
C LYS A 221 9.01 -16.71 -11.53
N LEU A 222 8.10 -16.71 -12.50
CA LEU A 222 7.97 -17.85 -13.41
C LEU A 222 9.23 -18.03 -14.23
N ILE A 223 9.70 -16.96 -14.87
CA ILE A 223 10.93 -17.06 -15.66
C ILE A 223 12.11 -17.34 -14.75
N GLY A 224 12.20 -16.63 -13.63
CA GLY A 224 13.29 -16.85 -12.71
C GLY A 224 14.57 -16.15 -13.09
N ASP A 225 14.48 -15.06 -13.85
CA ASP A 225 15.65 -14.28 -14.21
C ASP A 225 15.94 -13.16 -13.23
N THR A 226 14.96 -12.79 -12.40
CA THR A 226 15.11 -11.73 -11.41
C THR A 226 15.15 -12.33 -10.01
N PRO A 227 16.16 -11.99 -9.19
CA PRO A 227 16.22 -12.53 -7.84
C PRO A 227 15.11 -11.96 -6.97
N ILE A 228 14.34 -12.85 -6.35
CA ILE A 228 13.24 -12.48 -5.47
C ILE A 228 13.56 -12.98 -4.07
N ASP A 229 13.53 -12.07 -3.11
CA ASP A 229 13.89 -12.43 -1.75
C ASP A 229 12.74 -13.17 -1.05
N THR A 230 13.00 -13.62 0.18
CA THR A 230 12.14 -14.61 0.81
C THR A 230 10.76 -14.05 1.13
N PHE A 231 10.70 -12.87 1.75
CA PHE A 231 9.39 -12.32 2.13
C PHE A 231 8.56 -11.96 0.90
N LEU A 232 9.20 -11.41 -0.13
CA LEU A 232 8.49 -11.14 -1.37
C LEU A 232 8.06 -12.44 -2.05
N MET A 233 8.90 -13.49 -1.94
CA MET A 233 8.54 -14.78 -2.51
C MET A 233 7.37 -15.41 -1.75
N GLU A 234 7.33 -15.22 -0.43
CA GLU A 234 6.26 -15.81 0.37
C GLU A 234 4.91 -15.18 0.01
N MET A 235 4.90 -13.88 -0.27
CA MET A 235 3.65 -13.21 -0.63
C MET A 235 3.14 -13.63 -2.00
N LEU A 236 4.01 -14.15 -2.87
CA LEU A 236 3.61 -14.63 -4.18
C LEU A 236 3.18 -16.09 -4.17
N GLU A 237 3.33 -16.79 -3.05
CA GLU A 237 2.90 -18.17 -2.97
C GLU A 237 1.38 -18.26 -2.91
N ALA A 238 0.86 -19.38 -3.40
CA ALA A 238 -0.59 -19.55 -3.50
C ALA A 238 -1.20 -19.77 -2.13
N PRO A 239 -2.46 -19.35 -1.92
CA PRO A 239 -3.18 -19.58 -0.66
C PRO A 239 -3.69 -21.01 -0.54
N HIS B 2 2.99 -19.48 4.88
CA HIS B 2 3.17 -18.08 5.26
C HIS B 2 3.98 -17.99 6.54
N LYS B 3 5.22 -18.46 6.49
CA LYS B 3 6.04 -18.59 7.69
C LYS B 3 6.60 -17.25 8.16
N ILE B 4 7.06 -16.42 7.22
CA ILE B 4 7.68 -15.15 7.60
C ILE B 4 6.64 -14.19 8.17
N LEU B 5 5.48 -14.10 7.53
CA LEU B 5 4.44 -13.19 8.01
C LEU B 5 3.90 -13.63 9.37
N HIS B 6 3.83 -14.93 9.61
CA HIS B 6 3.35 -15.43 10.90
C HIS B 6 4.33 -15.07 12.02
N ARG B 7 5.62 -15.23 11.78
CA ARG B 7 6.61 -14.98 12.81
C ARG B 7 6.70 -13.51 13.18
N LEU B 8 6.48 -12.62 12.22
CA LEU B 8 6.57 -11.18 12.49
C LEU B 8 5.33 -10.65 13.21
N LEU B 9 4.16 -11.28 12.99
CA LEU B 9 2.94 -10.81 13.61
C LEU B 9 2.85 -11.19 15.09
N GLN B 10 3.40 -12.33 15.48
CA GLN B 10 3.31 -12.75 16.88
C GLN B 10 4.24 -11.95 17.77
N ASP B 11 5.40 -11.57 17.28
CA ASP B 11 6.36 -10.80 18.09
C ASP B 11 5.87 -9.37 18.28
#